data_9HDT
#
_entry.id   9HDT
#
_cell.length_a   78.090
_cell.length_b   116.310
_cell.length_c   62.180
_cell.angle_alpha   90.00
_cell.angle_beta   90.00
_cell.angle_gamma   90.00
#
_symmetry.space_group_name_H-M   'C 2 2 21'
#
loop_
_entity.id
_entity.type
_entity.pdbx_description
1 polymer "Uridine 5'-monophosphate synthase"
2 non-polymer "2'-DEOXYURIDINE-5'-MONOPHOSPHATE"
3 non-polymer PROLINE
4 water water
#
_entity_poly.entity_id   1
_entity_poly.type   'polypeptide(L)'
_entity_poly.pdbx_seq_one_letter_code
;MELSFGARAELPRIHPVASKLLRLMQKKETNLCLSADVSLARELLQLADALGPSICMLKTHVDILNDFTLDVMKELITLA
K(CSS)HEFLIFEDRKFADIGNNVKKQYEGGIFKIASWADLVNAHVVPGSGVVKGLQEVGLPLHRGCLLIAEMSSTGSLA
TGDYTRAAVRMAEEHSEFVVGFISGSRVSMKPEFLHLTPGVQLEAGGDNLGQQYNSPQEVIGKRGSDIIIVGRGIISAAD
RLEAAEMYRKAAWEAYLSRLGV
;
_entity_poly.pdbx_strand_id   A
#
loop_
_chem_comp.id
_chem_comp.type
_chem_comp.name
_chem_comp.formula
DU DNA linking 2'-DEOXYURIDINE-5'-MONOPHOSPHATE 'C9 H13 N2 O8 P'
#
# COMPACT_ATOMS: atom_id res chain seq x y z
N MET A 1 16.23 -1.71 -18.86
CA MET A 1 14.97 -1.23 -19.42
C MET A 1 13.98 -0.92 -18.33
N GLU A 2 14.49 -0.44 -17.20
CA GLU A 2 13.65 0.00 -16.08
C GLU A 2 13.01 1.35 -16.42
N LEU A 3 11.69 1.38 -16.36
CA LEU A 3 10.90 2.54 -16.69
C LEU A 3 10.61 3.36 -15.44
N SER A 4 10.47 4.67 -15.65
CA SER A 4 10.04 5.57 -14.60
C SER A 4 8.62 5.25 -14.16
N PHE A 5 8.26 5.77 -12.99
CA PHE A 5 6.88 5.61 -12.54
C PHE A 5 5.90 6.15 -13.59
N GLY A 6 6.22 7.31 -14.19
CA GLY A 6 5.29 7.91 -15.14
C GLY A 6 5.11 7.06 -16.39
N ALA A 7 6.17 6.40 -16.84
CA ALA A 7 6.04 5.49 -17.98
C ALA A 7 5.33 4.20 -17.58
N ARG A 8 5.61 3.68 -16.38
CA ARG A 8 4.88 2.50 -15.93
C ARG A 8 3.38 2.76 -15.88
N ALA A 9 2.98 3.98 -15.59
CA ALA A 9 1.57 4.33 -15.54
C ALA A 9 0.87 4.16 -16.87
N GLU A 10 1.61 4.09 -17.97
N GLU A 10 1.63 4.09 -17.97
CA GLU A 10 1.05 3.95 -19.31
CA GLU A 10 1.11 3.97 -19.33
C GLU A 10 1.16 2.53 -19.86
C GLU A 10 1.27 2.57 -19.91
N LEU A 11 1.71 1.59 -19.12
CA LEU A 11 1.92 0.25 -19.65
C LEU A 11 0.60 -0.37 -20.11
N PRO A 12 0.63 -1.17 -21.18
CA PRO A 12 -0.62 -1.72 -21.72
C PRO A 12 -1.46 -2.46 -20.72
N ARG A 13 -0.85 -3.23 -19.85
N ARG A 13 -0.85 -3.24 -19.84
CA ARG A 13 -1.58 -4.08 -18.91
CA ARG A 13 -1.58 -4.08 -18.91
C ARG A 13 -1.77 -3.43 -17.56
C ARG A 13 -1.82 -3.41 -17.56
N ILE A 14 -1.50 -2.12 -17.43
CA ILE A 14 -1.59 -1.47 -16.13
C ILE A 14 -3.03 -1.43 -15.65
N HIS A 15 -3.20 -1.64 -14.35
CA HIS A 15 -4.53 -1.49 -13.76
C HIS A 15 -4.82 -0.01 -13.55
N PRO A 16 -6.05 0.43 -13.76
N PRO A 16 -6.06 0.43 -13.74
CA PRO A 16 -6.34 1.87 -13.59
CA PRO A 16 -6.34 1.87 -13.58
C PRO A 16 -5.96 2.44 -12.23
C PRO A 16 -5.95 2.44 -12.23
N VAL A 17 -6.10 1.67 -11.15
CA VAL A 17 -5.72 2.19 -9.83
C VAL A 17 -4.21 2.36 -9.76
N ALA A 18 -3.47 1.39 -10.30
CA ALA A 18 -2.02 1.51 -10.33
C ALA A 18 -1.58 2.68 -11.18
N SER A 19 -2.27 2.90 -12.31
N SER A 19 -2.25 2.91 -12.32
CA SER A 19 -1.91 4.01 -13.19
CA SER A 19 -1.86 4.02 -13.18
C SER A 19 -2.09 5.34 -12.48
C SER A 19 -2.09 5.36 -12.47
N LYS A 20 -3.24 5.51 -11.80
CA LYS A 20 -3.50 6.74 -11.05
C LYS A 20 -2.43 6.97 -10.00
N LEU A 21 -2.07 5.91 -9.28
CA LEU A 21 -1.05 6.00 -8.24
C LEU A 21 0.32 6.36 -8.82
N LEU A 22 0.73 5.69 -9.89
CA LEU A 22 2.04 5.96 -10.48
C LEU A 22 2.12 7.38 -11.05
N ARG A 23 1.01 7.87 -11.63
CA ARG A 23 0.99 9.24 -12.14
C ARG A 23 1.17 10.26 -11.02
N LEU A 24 0.46 10.09 -9.90
CA LEU A 24 0.62 11.07 -8.82
C LEU A 24 1.95 10.94 -8.08
N MET A 25 2.53 9.73 -8.04
CA MET A 25 3.89 9.59 -7.52
C MET A 25 4.87 10.44 -8.32
N GLN A 26 4.80 10.31 -9.65
CA GLN A 26 5.68 11.07 -10.53
C GLN A 26 5.42 12.57 -10.42
N LYS A 27 4.15 12.97 -10.36
CA LYS A 27 3.82 14.40 -10.30
C LYS A 27 4.30 15.04 -9.01
N LYS A 28 4.13 14.36 -7.90
CA LYS A 28 4.42 14.90 -6.58
C LYS A 28 5.82 14.54 -6.08
N GLU A 29 6.56 13.72 -6.81
N GLU A 29 6.55 13.70 -6.80
CA GLU A 29 7.86 13.22 -6.35
CA GLU A 29 7.87 13.24 -6.35
C GLU A 29 7.75 12.61 -4.96
C GLU A 29 7.79 12.57 -4.98
N THR A 30 6.80 11.67 -4.82
CA THR A 30 6.69 10.91 -3.60
C THR A 30 6.34 9.46 -3.85
N ASN A 31 7.08 8.59 -3.19
CA ASN A 31 6.82 7.15 -3.12
C ASN A 31 6.76 6.73 -1.66
N LEU A 32 6.16 7.59 -0.83
CA LEU A 32 5.94 7.36 0.60
C LEU A 32 4.46 7.11 0.86
N CYS A 33 4.20 6.01 1.55
CA CYS A 33 2.88 5.70 2.10
C CYS A 33 2.92 5.88 3.63
N LEU A 34 2.07 6.77 4.15
CA LEU A 34 1.98 6.96 5.60
C LEU A 34 1.13 5.85 6.20
N SER A 35 1.64 5.16 7.21
CA SER A 35 0.86 4.17 7.95
C SER A 35 0.24 4.88 9.13
N ALA A 36 -1.03 5.25 8.99
CA ALA A 36 -1.72 6.11 9.96
C ALA A 36 -2.30 5.26 11.10
N ASP A 37 -1.40 4.71 11.90
CA ASP A 37 -1.77 3.79 12.97
C ASP A 37 -2.07 4.57 14.24
N VAL A 38 -3.22 5.25 14.21
CA VAL A 38 -3.69 6.12 15.28
C VAL A 38 -5.11 5.70 15.65
N SER A 39 -5.52 6.04 16.87
CA SER A 39 -6.82 5.62 17.36
C SER A 39 -7.89 6.72 17.32
N LEU A 40 -7.52 7.96 16.99
CA LEU A 40 -8.45 9.09 17.01
C LEU A 40 -8.65 9.65 15.61
N ALA A 41 -9.94 9.84 15.25
CA ALA A 41 -10.27 10.41 13.94
C ALA A 41 -9.63 11.77 13.75
N ARG A 42 -9.59 12.62 14.79
CA ARG A 42 -9.03 13.96 14.60
C ARG A 42 -7.55 13.87 14.24
N GLU A 43 -6.82 12.93 14.86
CA GLU A 43 -5.42 12.77 14.53
C GLU A 43 -5.23 12.21 13.13
N LEU A 44 -6.03 11.22 12.76
CA LEU A 44 -6.01 10.71 11.39
C LEU A 44 -6.19 11.83 10.37
N LEU A 45 -7.23 12.65 10.56
CA LEU A 45 -7.56 13.69 9.59
C LEU A 45 -6.53 14.82 9.60
N GLN A 46 -6.02 15.19 10.78
CA GLN A 46 -4.98 16.23 10.82
C GLN A 46 -3.69 15.76 10.16
N LEU A 47 -3.33 14.49 10.35
CA LEU A 47 -2.16 13.93 9.66
C LEU A 47 -2.40 13.89 8.15
N ALA A 48 -3.58 13.42 7.73
CA ALA A 48 -3.87 13.33 6.29
C ALA A 48 -3.78 14.70 5.64
N ASP A 49 -4.30 15.75 6.29
CA ASP A 49 -4.27 17.09 5.70
C ASP A 49 -2.83 17.62 5.65
N ALA A 50 -2.08 17.54 6.75
CA ALA A 50 -0.77 18.16 6.77
C ALA A 50 0.27 17.38 5.96
N LEU A 51 0.15 16.06 5.92
CA LEU A 51 1.12 15.23 5.24
C LEU A 51 0.67 14.85 3.84
N GLY A 52 -0.57 15.16 3.47
CA GLY A 52 -1.10 14.80 2.17
C GLY A 52 -0.19 15.15 1.01
N PRO A 53 0.35 16.38 0.97
CA PRO A 53 1.25 16.75 -0.14
C PRO A 53 2.52 15.92 -0.22
N SER A 54 2.94 15.30 0.87
CA SER A 54 4.19 14.56 0.95
C SER A 54 4.04 13.07 0.67
N ILE A 55 2.82 12.56 0.51
CA ILE A 55 2.60 11.12 0.42
C ILE A 55 1.87 10.78 -0.86
N CYS A 56 2.11 9.56 -1.33
CA CYS A 56 1.33 9.01 -2.44
C CYS A 56 0.15 8.17 -1.98
N MET A 57 0.11 7.84 -0.69
CA MET A 57 -0.87 6.91 -0.16
C MET A 57 -0.92 7.07 1.35
N LEU A 58 -2.10 6.83 1.90
CA LEU A 58 -2.31 6.80 3.34
C LEU A 58 -2.93 5.44 3.64
N LYS A 59 -2.25 4.68 4.50
CA LYS A 59 -2.75 3.38 4.94
C LYS A 59 -3.57 3.57 6.22
N THR A 60 -4.88 3.35 6.13
CA THR A 60 -5.81 3.45 7.24
C THR A 60 -5.85 2.13 7.99
N HIS A 61 -6.26 2.23 9.24
CA HIS A 61 -6.31 1.11 10.16
C HIS A 61 -7.64 1.23 10.93
N VAL A 62 -8.75 1.02 10.22
CA VAL A 62 -10.05 1.35 10.80
C VAL A 62 -10.38 0.47 11.99
N ASP A 63 -9.80 -0.72 12.08
CA ASP A 63 -10.08 -1.60 13.22
C ASP A 63 -9.58 -1.06 14.54
N ILE A 64 -8.72 -0.04 14.55
CA ILE A 64 -8.27 0.59 15.80
C ILE A 64 -8.80 2.00 15.97
N LEU A 65 -9.56 2.50 14.99
N LEU A 65 -9.64 2.47 15.07
CA LEU A 65 -10.17 3.81 15.12
CA LEU A 65 -10.12 3.84 15.12
C LEU A 65 -11.29 3.73 16.14
C LEU A 65 -11.34 3.91 16.04
N ASN A 66 -11.11 4.42 17.26
CA ASN A 66 -12.13 4.33 18.30
C ASN A 66 -13.42 5.05 17.94
N ASP A 67 -13.32 6.12 17.15
CA ASP A 67 -14.46 6.96 16.77
C ASP A 67 -14.69 6.92 15.27
N PHE A 68 -14.45 5.74 14.68
CA PHE A 68 -14.83 5.52 13.28
C PHE A 68 -16.29 5.84 13.06
N THR A 69 -16.56 6.55 11.96
CA THR A 69 -17.87 6.59 11.33
C THR A 69 -17.61 6.69 9.84
N LEU A 70 -18.62 6.38 9.03
CA LEU A 70 -18.48 6.58 7.58
C LEU A 70 -18.28 8.05 7.24
N ASP A 71 -18.75 8.98 8.08
N ASP A 71 -18.73 8.97 8.08
CA ASP A 71 -18.49 10.40 7.83
CA ASP A 71 -18.49 10.39 7.82
C ASP A 71 -17.01 10.73 7.98
C ASP A 71 -17.02 10.75 8.01
N VAL A 72 -16.32 10.11 8.93
CA VAL A 72 -14.87 10.30 9.02
C VAL A 72 -14.23 9.91 7.70
N MET A 73 -14.69 8.81 7.10
N MET A 73 -14.66 8.79 7.12
CA MET A 73 -14.08 8.35 5.86
CA MET A 73 -14.09 8.34 5.85
C MET A 73 -14.40 9.28 4.70
C MET A 73 -14.37 9.35 4.75
N LYS A 74 -15.58 9.90 4.71
CA LYS A 74 -15.92 10.91 3.72
C LYS A 74 -14.95 12.08 3.81
N GLU A 75 -14.67 12.54 5.03
N GLU A 75 -14.67 12.55 5.02
CA GLU A 75 -13.73 13.65 5.21
CA GLU A 75 -13.73 13.66 5.16
C GLU A 75 -12.34 13.25 4.74
C GLU A 75 -12.32 13.25 4.73
N LEU A 76 -11.94 12.00 5.01
CA LEU A 76 -10.65 11.51 4.51
C LEU A 76 -10.60 11.51 3.00
N ILE A 77 -11.68 11.06 2.34
CA ILE A 77 -11.73 11.06 0.88
C ILE A 77 -11.57 12.48 0.35
N THR A 78 -12.22 13.47 0.95
CA THR A 78 -12.04 14.85 0.53
C THR A 78 -10.57 15.26 0.57
N LEU A 79 -9.86 14.89 1.64
CA LEU A 79 -8.44 15.21 1.73
C LEU A 79 -7.61 14.45 0.69
N ALA A 80 -7.94 13.18 0.46
CA ALA A 80 -7.24 12.37 -0.53
C ALA A 80 -7.41 12.95 -1.94
N LYS A 81 -8.59 13.45 -2.26
N LYS A 81 -8.60 13.44 -2.26
CA LYS A 81 -8.81 14.05 -3.56
CA LYS A 81 -8.83 14.05 -3.56
C LYS A 81 -8.09 15.39 -3.67
C LYS A 81 -8.08 15.37 -3.67
N CSS A 82 -8.12 16.16 -2.60
CA CSS A 82 -7.52 17.48 -2.58
CB CSS A 82 -7.80 18.22 -1.26
SG CSS A 82 -6.94 19.74 -1.01
SD CSS A 82 -7.87 20.99 -2.43
C CSS A 82 -6.02 17.39 -2.76
O CSS A 82 -5.40 18.06 -3.59
H CSS A 82 -8.53 15.93 -1.72
HA CSS A 82 -7.90 18.06 -3.47
HB2 CSS A 82 -7.55 17.51 -0.43
HB3 CSS A 82 -8.90 18.42 -1.22
HD CSS A 82 -7.13 22.08 -2.28
N HIS A 83 -5.40 16.55 -1.94
CA HIS A 83 -3.94 16.45 -1.93
C HIS A 83 -3.36 15.41 -2.89
N GLU A 84 -4.24 14.57 -3.45
CA GLU A 84 -3.91 13.52 -4.41
C GLU A 84 -3.08 12.40 -3.79
N PHE A 85 -3.75 11.53 -3.03
CA PHE A 85 -3.15 10.30 -2.55
C PHE A 85 -4.25 9.24 -2.54
N LEU A 86 -3.83 7.99 -2.60
CA LEU A 86 -4.78 6.88 -2.49
C LEU A 86 -4.99 6.48 -1.04
N ILE A 87 -6.14 5.86 -0.79
CA ILE A 87 -6.47 5.29 0.52
C ILE A 87 -6.34 3.77 0.43
N PHE A 88 -5.52 3.21 1.33
CA PHE A 88 -5.21 1.80 1.41
C PHE A 88 -5.59 1.33 2.81
N GLU A 89 -6.56 0.43 2.92
CA GLU A 89 -6.96 -0.06 4.23
C GLU A 89 -6.12 -1.27 4.64
N ASP A 90 -5.71 -1.28 5.91
CA ASP A 90 -4.76 -2.26 6.42
C ASP A 90 -5.33 -3.67 6.63
N ARG A 91 -6.65 -3.79 6.79
CA ARG A 91 -7.30 -5.06 7.16
C ARG A 91 -6.70 -6.24 6.41
N LYS A 92 -6.30 -7.29 7.14
CA LYS A 92 -5.60 -8.41 6.52
C LYS A 92 -6.61 -9.45 6.03
N PHE A 93 -7.16 -9.24 4.84
CA PHE A 93 -8.15 -10.21 4.36
C PHE A 93 -7.44 -11.55 4.19
N ALA A 94 -7.99 -12.61 4.78
CA ALA A 94 -7.21 -13.84 4.91
C ALA A 94 -8.13 -15.02 5.22
N ASP A 95 -9.25 -15.09 4.51
CA ASP A 95 -10.31 -16.05 4.78
C ASP A 95 -10.69 -16.73 3.48
N ILE A 96 -11.59 -17.71 3.60
CA ILE A 96 -12.14 -18.30 2.40
C ILE A 96 -12.85 -17.23 1.60
N GLY A 97 -12.96 -17.47 0.28
CA GLY A 97 -13.54 -16.48 -0.61
C GLY A 97 -14.92 -16.00 -0.19
N ASN A 98 -15.79 -16.91 0.22
CA ASN A 98 -17.14 -16.49 0.59
C ASN A 98 -17.14 -15.52 1.75
N ASN A 99 -16.18 -15.65 2.66
CA ASN A 99 -16.13 -14.74 3.82
C ASN A 99 -15.50 -13.39 3.44
N VAL A 100 -14.41 -13.39 2.68
CA VAL A 100 -13.77 -12.09 2.38
C VAL A 100 -14.70 -11.20 1.55
N LYS A 101 -15.56 -11.78 0.70
N LYS A 101 -15.51 -11.80 0.67
CA LYS A 101 -16.44 -10.92 -0.09
CA LYS A 101 -16.48 -11.02 -0.10
C LYS A 101 -17.44 -10.17 0.80
C LYS A 101 -17.36 -10.18 0.83
N LYS A 102 -17.92 -10.82 1.86
CA LYS A 102 -18.80 -10.13 2.78
C LYS A 102 -18.04 -9.16 3.69
N GLN A 103 -16.83 -9.54 4.14
CA GLN A 103 -16.02 -8.67 4.98
C GLN A 103 -15.64 -7.38 4.26
N TYR A 104 -15.42 -7.47 2.95
CA TYR A 104 -14.97 -6.31 2.17
C TYR A 104 -16.10 -5.33 1.94
N GLU A 105 -17.29 -5.84 1.64
CA GLU A 105 -18.40 -4.97 1.29
C GLU A 105 -19.21 -4.48 2.47
N GLY A 106 -19.37 -5.27 3.53
CA GLY A 106 -20.40 -5.06 4.51
C GLY A 106 -19.98 -4.67 5.90
N GLY A 107 -20.78 -5.07 6.88
CA GLY A 107 -20.60 -4.66 8.25
C GLY A 107 -20.67 -3.15 8.41
N ILE A 108 -20.17 -2.71 9.57
N ILE A 108 -20.16 -2.69 9.56
CA ILE A 108 -20.17 -1.29 9.90
CA ILE A 108 -20.23 -1.26 9.84
C ILE A 108 -19.26 -0.52 8.95
C ILE A 108 -19.18 -0.46 9.09
N PHE A 109 -18.10 -1.09 8.62
CA PHE A 109 -17.02 -0.32 7.99
C PHE A 109 -17.21 -0.09 6.50
N LYS A 110 -17.91 -0.98 5.79
CA LYS A 110 -18.10 -0.86 4.33
C LYS A 110 -16.80 -0.47 3.61
N ILE A 111 -15.77 -1.29 3.83
CA ILE A 111 -14.42 -0.94 3.37
C ILE A 111 -14.38 -0.65 1.87
N ALA A 112 -15.03 -1.48 1.05
CA ALA A 112 -14.97 -1.28 -0.40
C ALA A 112 -15.54 0.06 -0.84
N SER A 113 -16.40 0.68 -0.03
N SER A 113 -16.39 0.69 -0.03
CA SER A 113 -17.02 1.95 -0.41
CA SER A 113 -17.01 1.95 -0.45
C SER A 113 -16.04 3.12 -0.39
C SER A 113 -16.06 3.14 -0.37
N TRP A 114 -14.95 3.02 0.38
CA TRP A 114 -14.00 4.12 0.52
C TRP A 114 -12.53 3.76 0.28
N ALA A 115 -12.14 2.48 0.30
CA ALA A 115 -10.74 2.09 0.14
C ALA A 115 -10.39 1.87 -1.34
N ASP A 116 -9.40 2.61 -1.86
CA ASP A 116 -8.93 2.37 -3.20
C ASP A 116 -8.23 1.02 -3.28
N LEU A 117 -7.47 0.69 -2.23
CA LEU A 117 -6.66 -0.51 -2.18
C LEU A 117 -6.93 -1.23 -0.87
N VAL A 118 -6.90 -2.56 -0.94
CA VAL A 118 -6.89 -3.44 0.23
C VAL A 118 -5.75 -4.43 0.03
N ASN A 119 -5.39 -5.12 1.11
CA ASN A 119 -4.41 -6.20 1.02
C ASN A 119 -4.96 -7.50 1.54
N ALA A 120 -4.44 -8.58 0.96
CA ALA A 120 -4.84 -9.92 1.33
C ALA A 120 -3.65 -10.84 1.51
N HIS A 121 -3.76 -11.75 2.48
CA HIS A 121 -2.85 -12.86 2.57
C HIS A 121 -3.24 -13.94 1.58
N VAL A 122 -2.24 -14.64 1.06
CA VAL A 122 -2.47 -15.65 0.03
C VAL A 122 -2.66 -17.05 0.61
N VAL A 123 -2.49 -17.23 1.92
CA VAL A 123 -2.57 -18.55 2.54
C VAL A 123 -3.84 -19.32 2.22
N PRO A 124 -5.02 -18.70 2.05
CA PRO A 124 -6.22 -19.52 1.75
C PRO A 124 -6.25 -20.09 0.36
N GLY A 125 -5.33 -19.71 -0.51
CA GLY A 125 -5.45 -20.00 -1.94
C GLY A 125 -6.20 -18.91 -2.66
N SER A 126 -6.33 -19.09 -3.98
CA SER A 126 -6.77 -17.98 -4.84
C SER A 126 -8.23 -17.59 -4.65
N GLY A 127 -9.03 -18.41 -3.97
CA GLY A 127 -10.36 -17.97 -3.59
C GLY A 127 -10.37 -16.68 -2.81
N VAL A 128 -9.27 -16.37 -2.09
CA VAL A 128 -9.26 -15.10 -1.37
C VAL A 128 -9.35 -13.94 -2.36
N VAL A 129 -8.65 -14.06 -3.49
CA VAL A 129 -8.69 -13.02 -4.52
C VAL A 129 -10.03 -13.03 -5.24
N LYS A 130 -10.54 -14.23 -5.56
CA LYS A 130 -11.80 -14.30 -6.30
C LYS A 130 -12.94 -13.71 -5.49
N GLY A 131 -12.96 -13.96 -4.17
CA GLY A 131 -14.02 -13.40 -3.36
C GLY A 131 -13.94 -11.88 -3.28
N LEU A 132 -12.73 -11.36 -3.05
CA LEU A 132 -12.57 -9.91 -3.00
C LEU A 132 -12.93 -9.28 -4.34
N GLN A 133 -12.48 -9.88 -5.45
N GLN A 133 -12.51 -9.91 -5.45
CA GLN A 133 -12.69 -9.24 -6.74
CA GLN A 133 -12.72 -9.35 -6.78
C GLN A 133 -14.15 -9.22 -7.14
C GLN A 133 -14.22 -9.18 -7.08
N GLU A 134 -14.98 -10.10 -6.56
N GLU A 134 -15.06 -10.09 -6.58
CA GLU A 134 -16.42 -10.04 -6.83
CA GLU A 134 -16.48 -10.01 -6.88
C GLU A 134 -16.99 -8.68 -6.44
C GLU A 134 -17.09 -8.70 -6.38
N VAL A 135 -16.53 -8.12 -5.31
CA VAL A 135 -16.96 -6.80 -4.86
C VAL A 135 -16.12 -5.70 -5.48
N GLY A 136 -14.79 -5.91 -5.57
CA GLY A 136 -13.88 -4.84 -5.90
C GLY A 136 -13.84 -4.49 -7.37
N LEU A 137 -13.95 -5.49 -8.25
N LEU A 137 -14.03 -5.47 -8.25
CA LEU A 137 -13.93 -5.17 -9.68
CA LEU A 137 -13.92 -5.16 -9.67
C LEU A 137 -15.06 -4.24 -10.05
C LEU A 137 -15.06 -4.24 -10.11
N PRO A 138 -16.33 -4.51 -9.71
CA PRO A 138 -17.39 -3.56 -10.07
C PRO A 138 -17.19 -2.17 -9.50
N LEU A 139 -16.46 -2.08 -8.38
CA LEU A 139 -16.19 -0.79 -7.75
C LEU A 139 -14.91 -0.11 -8.25
N HIS A 140 -14.22 -0.77 -9.19
N HIS A 140 -14.23 -0.78 -9.18
CA HIS A 140 -12.99 -0.24 -9.76
CA HIS A 140 -13.01 -0.26 -9.75
C HIS A 140 -11.87 -0.13 -8.72
C HIS A 140 -11.89 -0.12 -8.71
N ARG A 141 -11.80 -1.09 -7.82
CA ARG A 141 -10.80 -1.13 -6.77
C ARG A 141 -9.63 -2.01 -7.17
N GLY A 142 -8.55 -1.95 -6.37
CA GLY A 142 -7.43 -2.85 -6.54
C GLY A 142 -7.04 -3.51 -5.22
N CYS A 143 -6.22 -4.55 -5.35
CA CYS A 143 -5.77 -5.35 -4.22
C CYS A 143 -4.27 -5.56 -4.29
N LEU A 144 -3.65 -5.67 -3.10
CA LEU A 144 -2.25 -6.00 -2.96
C LEU A 144 -2.16 -7.36 -2.27
N LEU A 145 -1.28 -8.24 -2.73
CA LEU A 145 -1.07 -9.53 -2.09
C LEU A 145 0.18 -9.50 -1.23
N ILE A 146 0.08 -10.10 -0.05
CA ILE A 146 1.18 -10.08 0.93
C ILE A 146 2.11 -11.24 0.57
N ALA A 147 3.19 -10.90 -0.13
CA ALA A 147 4.11 -11.92 -0.62
C ALA A 147 5.25 -12.17 0.35
N GLU A 148 5.60 -11.17 1.17
CA GLU A 148 6.62 -11.26 2.20
C GLU A 148 6.17 -10.38 3.36
N MET A 149 6.65 -10.71 4.56
CA MET A 149 6.37 -9.89 5.74
C MET A 149 7.68 -9.48 6.41
N SER A 150 7.62 -8.36 7.12
CA SER A 150 8.80 -7.75 7.71
C SER A 150 9.17 -8.31 9.08
N SER A 151 8.30 -9.11 9.69
CA SER A 151 8.44 -9.52 11.07
C SER A 151 9.26 -10.79 11.25
N THR A 152 9.85 -10.91 12.43
N THR A 152 9.87 -10.90 12.43
CA THR A 152 10.72 -12.03 12.72
CA THR A 152 10.73 -12.03 12.73
C THR A 152 9.94 -13.34 12.73
C THR A 152 9.92 -13.33 12.69
N GLY A 153 10.46 -14.32 11.99
CA GLY A 153 9.83 -15.62 11.88
C GLY A 153 8.81 -15.70 10.77
N SER A 154 8.67 -14.65 9.96
CA SER A 154 7.75 -14.69 8.84
C SER A 154 7.88 -15.99 8.06
N LEU A 155 6.73 -16.59 7.75
CA LEU A 155 6.64 -17.79 6.91
C LEU A 155 6.38 -17.44 5.45
N ALA A 156 6.32 -16.17 5.11
CA ALA A 156 6.06 -15.74 3.73
C ALA A 156 7.38 -15.66 2.97
N THR A 157 7.93 -16.85 2.69
CA THR A 157 9.24 -17.01 2.09
C THR A 157 9.16 -18.14 1.07
N GLY A 158 10.18 -18.21 0.23
CA GLY A 158 10.34 -19.36 -0.64
C GLY A 158 9.13 -19.61 -1.53
N ASP A 159 8.64 -20.86 -1.50
N ASP A 159 8.61 -20.84 -1.45
CA ASP A 159 7.48 -21.25 -2.31
CA ASP A 159 7.48 -21.27 -2.27
C ASP A 159 6.23 -20.42 -1.99
C ASP A 159 6.19 -20.52 -1.96
N TYR A 160 6.07 -19.98 -0.75
CA TYR A 160 4.91 -19.15 -0.41
C TYR A 160 4.95 -17.83 -1.18
N THR A 161 6.11 -17.18 -1.19
CA THR A 161 6.27 -15.95 -1.98
C THR A 161 6.02 -16.19 -3.46
N ARG A 162 6.54 -17.30 -3.97
N ARG A 162 6.53 -17.31 -3.97
CA ARG A 162 6.35 -17.64 -5.38
CA ARG A 162 6.34 -17.64 -5.37
C ARG A 162 4.86 -17.85 -5.67
C ARG A 162 4.86 -17.85 -5.67
N ALA A 163 4.12 -18.46 -4.75
CA ALA A 163 2.68 -18.66 -4.95
C ALA A 163 1.94 -17.32 -4.96
N ALA A 164 2.38 -16.36 -4.14
CA ALA A 164 1.74 -15.05 -4.14
C ALA A 164 1.95 -14.34 -5.48
N VAL A 165 3.18 -14.45 -6.02
CA VAL A 165 3.47 -13.81 -7.31
C VAL A 165 2.62 -14.42 -8.42
N ARG A 166 2.51 -15.76 -8.44
CA ARG A 166 1.69 -16.41 -9.45
C ARG A 166 0.23 -16.01 -9.32
N MET A 167 -0.27 -15.93 -8.09
N MET A 167 -0.29 -15.97 -8.09
CA MET A 167 -1.66 -15.57 -7.88
CA MET A 167 -1.67 -15.56 -7.90
C MET A 167 -1.93 -14.14 -8.36
C MET A 167 -1.90 -14.15 -8.45
N ALA A 168 -0.98 -13.24 -8.14
CA ALA A 168 -1.13 -11.87 -8.62
C ALA A 168 -1.12 -11.84 -10.14
N GLU A 169 -0.13 -12.48 -10.75
CA GLU A 169 0.02 -12.44 -12.19
C GLU A 169 -1.18 -13.07 -12.90
N GLU A 170 -1.87 -14.03 -12.27
CA GLU A 170 -3.05 -14.67 -12.84
C GLU A 170 -4.37 -13.94 -12.53
N HIS A 171 -4.32 -12.88 -11.73
CA HIS A 171 -5.50 -12.08 -11.37
C HIS A 171 -5.22 -10.60 -11.56
N SER A 172 -4.54 -10.27 -12.67
CA SER A 172 -4.07 -8.91 -12.92
C SER A 172 -5.19 -7.90 -13.18
N GLU A 173 -6.43 -8.35 -13.39
N GLU A 173 -6.42 -8.39 -13.40
CA GLU A 173 -7.52 -7.40 -13.50
CA GLU A 173 -7.58 -7.51 -13.50
C GLU A 173 -7.88 -6.76 -12.17
C GLU A 173 -7.90 -6.80 -12.18
N PHE A 174 -7.44 -7.34 -11.06
CA PHE A 174 -7.78 -6.84 -9.73
C PHE A 174 -6.56 -6.63 -8.85
N VAL A 175 -5.55 -7.49 -8.97
CA VAL A 175 -4.35 -7.40 -8.13
C VAL A 175 -3.37 -6.46 -8.81
N VAL A 176 -2.97 -5.42 -8.09
CA VAL A 176 -2.12 -4.39 -8.65
C VAL A 176 -0.71 -4.43 -8.12
N GLY A 177 -0.43 -5.30 -7.16
CA GLY A 177 0.91 -5.35 -6.62
C GLY A 177 0.96 -6.15 -5.33
N PHE A 178 2.01 -5.86 -4.56
CA PHE A 178 2.40 -6.69 -3.44
C PHE A 178 2.77 -5.82 -2.24
N ILE A 179 2.52 -6.39 -1.06
CA ILE A 179 3.26 -6.06 0.15
C ILE A 179 4.43 -7.04 0.18
N SER A 180 5.66 -6.51 0.16
CA SER A 180 6.84 -7.35 0.09
C SER A 180 8.01 -6.55 0.64
N GLY A 181 9.13 -7.24 0.87
CA GLY A 181 10.33 -6.56 1.30
C GLY A 181 11.26 -6.17 0.18
N SER A 182 10.91 -6.56 -1.03
N SER A 182 11.03 -6.72 -1.01
CA SER A 182 11.76 -6.42 -2.20
CA SER A 182 11.84 -6.48 -2.19
C SER A 182 10.88 -6.51 -3.43
C SER A 182 10.97 -6.68 -3.42
N ARG A 183 11.48 -6.27 -4.58
CA ARG A 183 10.86 -6.67 -5.84
C ARG A 183 10.73 -8.19 -5.88
N VAL A 184 9.50 -8.67 -6.10
CA VAL A 184 9.24 -10.10 -6.20
C VAL A 184 8.71 -10.49 -7.58
N SER A 185 8.07 -9.57 -8.30
CA SER A 185 7.63 -9.82 -9.66
C SER A 185 8.54 -9.07 -10.63
N MET A 186 8.84 -9.72 -11.75
CA MET A 186 9.57 -9.10 -12.85
C MET A 186 8.69 -8.28 -13.77
N LYS A 187 7.38 -8.29 -13.57
CA LYS A 187 6.49 -7.57 -14.46
C LYS A 187 6.31 -6.15 -13.95
N PRO A 188 6.62 -5.11 -14.75
CA PRO A 188 6.65 -3.74 -14.21
C PRO A 188 5.29 -3.13 -13.94
N GLU A 189 4.22 -3.81 -14.38
N GLU A 189 4.22 -3.78 -14.37
CA GLU A 189 2.86 -3.37 -14.09
CA GLU A 189 2.88 -3.29 -14.08
C GLU A 189 2.50 -3.48 -12.61
C GLU A 189 2.42 -3.58 -12.65
N PHE A 190 3.22 -4.29 -11.86
CA PHE A 190 2.90 -4.52 -10.45
C PHE A 190 3.68 -3.58 -9.56
N LEU A 191 3.00 -3.08 -8.53
N LEU A 191 3.01 -3.09 -8.52
CA LEU A 191 3.59 -2.22 -7.51
CA LEU A 191 3.61 -2.22 -7.53
C LEU A 191 4.14 -3.05 -6.36
C LEU A 191 4.15 -3.05 -6.37
N HIS A 192 5.31 -2.65 -5.87
CA HIS A 192 5.90 -3.25 -4.67
C HIS A 192 5.90 -2.22 -3.55
N LEU A 193 5.17 -2.51 -2.49
CA LEU A 193 5.11 -1.65 -1.31
C LEU A 193 5.76 -2.36 -0.14
N THR A 194 6.65 -1.66 0.57
CA THR A 194 7.47 -2.29 1.60
C THR A 194 7.31 -1.61 2.95
N PRO A 195 6.73 -2.33 3.93
CA PRO A 195 6.70 -1.87 5.32
C PRO A 195 7.93 -2.35 6.06
N GLY A 196 8.04 -2.03 7.35
CA GLY A 196 9.25 -2.33 8.07
C GLY A 196 10.39 -1.39 7.70
N VAL A 197 10.11 -0.10 7.67
CA VAL A 197 11.07 0.90 7.20
C VAL A 197 11.28 1.97 8.26
N GLN A 198 12.55 2.25 8.56
CA GLN A 198 12.94 3.38 9.39
C GLN A 198 14.31 3.86 8.93
N LEU A 199 14.61 5.13 9.21
CA LEU A 199 15.93 5.64 8.86
C LEU A 199 17.02 4.98 9.67
N GLU A 200 16.76 4.71 10.94
CA GLU A 200 17.74 4.11 11.83
C GLU A 200 17.49 2.60 11.91
N ALA A 201 18.56 1.87 12.23
CA ALA A 201 18.46 0.43 12.40
C ALA A 201 17.66 0.10 13.65
N GLY A 202 16.99 -1.05 13.64
CA GLY A 202 16.41 -1.62 14.84
C GLY A 202 15.12 -2.36 14.55
N GLY A 203 14.23 -2.31 15.52
CA GLY A 203 12.99 -3.06 15.49
C GLY A 203 12.09 -2.61 16.61
N ASP A 204 11.06 -3.39 16.87
CA ASP A 204 10.24 -3.15 18.07
C ASP A 204 10.33 -4.36 18.99
N ASN A 205 9.53 -4.33 20.05
CA ASN A 205 9.53 -5.37 21.08
C ASN A 205 8.64 -6.57 20.75
N LEU A 206 8.04 -6.58 19.55
CA LEU A 206 7.04 -7.57 19.15
C LEU A 206 7.32 -8.04 17.72
N GLY A 207 8.59 -8.18 17.39
CA GLY A 207 8.98 -8.83 16.16
C GLY A 207 9.10 -7.97 14.92
N GLN A 208 8.80 -6.68 14.98
CA GLN A 208 9.03 -5.83 13.81
C GLN A 208 10.52 -5.64 13.62
N GLN A 209 10.96 -5.62 12.36
CA GLN A 209 12.32 -5.39 11.96
C GLN A 209 12.35 -4.30 10.92
N TYR A 210 13.33 -3.38 11.03
CA TYR A 210 13.42 -2.24 10.12
C TYR A 210 14.61 -2.32 9.17
N ASN A 211 14.39 -1.83 7.96
CA ASN A 211 15.43 -1.54 6.99
C ASN A 211 15.22 -0.12 6.49
N SER A 212 16.27 0.44 5.90
CA SER A 212 16.22 1.83 5.51
C SER A 212 15.54 2.02 4.14
N PRO A 213 15.05 3.22 3.88
CA PRO A 213 14.55 3.51 2.52
C PRO A 213 15.57 3.24 1.43
N GLN A 214 16.83 3.61 1.64
CA GLN A 214 17.85 3.36 0.63
C GLN A 214 17.99 1.86 0.37
N GLU A 215 17.96 1.04 1.41
CA GLU A 215 18.07 -0.40 1.23
C GLU A 215 16.87 -0.96 0.46
N VAL A 216 15.65 -0.59 0.87
N VAL A 216 15.67 -0.59 0.90
CA VAL A 216 14.49 -1.30 0.32
CA VAL A 216 14.44 -1.19 0.38
C VAL A 216 14.10 -0.78 -1.07
C VAL A 216 14.22 -0.79 -1.06
N ILE A 217 14.28 0.51 -1.34
CA ILE A 217 13.99 1.05 -2.66
C ILE A 217 15.19 0.88 -3.57
N GLY A 218 16.37 1.24 -3.08
CA GLY A 218 17.56 1.27 -3.91
C GLY A 218 18.15 -0.10 -4.18
N LYS A 219 18.44 -0.88 -3.13
N LYS A 219 18.40 -0.88 -3.12
CA LYS A 219 19.05 -2.18 -3.35
CA LYS A 219 19.07 -2.18 -3.28
C LYS A 219 18.02 -3.28 -3.60
C LYS A 219 18.08 -3.32 -3.50
N ARG A 220 16.91 -3.28 -2.86
CA ARG A 220 15.94 -4.36 -2.97
C ARG A 220 14.91 -4.14 -4.07
N GLY A 221 14.87 -2.96 -4.68
CA GLY A 221 14.05 -2.75 -5.84
C GLY A 221 12.58 -2.50 -5.63
N SER A 222 12.15 -2.20 -4.41
N SER A 222 12.15 -2.20 -4.40
CA SER A 222 10.74 -1.92 -4.15
CA SER A 222 10.74 -1.91 -4.18
C SER A 222 10.40 -0.51 -4.63
C SER A 222 10.39 -0.55 -4.76
N ASP A 223 9.10 -0.24 -4.75
CA ASP A 223 8.61 1.02 -5.28
C ASP A 223 8.24 2.06 -4.23
N ILE A 224 7.60 1.62 -3.14
CA ILE A 224 6.98 2.51 -2.17
C ILE A 224 7.40 2.03 -0.79
N ILE A 225 7.72 2.96 0.12
CA ILE A 225 7.92 2.61 1.52
C ILE A 225 6.67 2.92 2.32
N ILE A 226 6.34 2.02 3.24
CA ILE A 226 5.23 2.21 4.18
C ILE A 226 5.87 2.49 5.54
N VAL A 227 5.57 3.64 6.12
CA VAL A 227 6.21 4.11 7.36
C VAL A 227 5.15 4.50 8.36
N GLY A 228 5.17 3.88 9.54
CA GLY A 228 4.31 4.22 10.64
C GLY A 228 5.06 5.00 11.70
N ARG A 229 5.58 4.31 12.72
CA ARG A 229 6.14 4.96 13.91
C ARG A 229 7.32 5.90 13.60
N GLY A 230 8.09 5.62 12.55
CA GLY A 230 9.17 6.53 12.18
C GLY A 230 8.68 7.94 11.92
N ILE A 231 7.45 8.07 11.46
CA ILE A 231 6.78 9.35 11.33
C ILE A 231 5.90 9.64 12.53
N ILE A 232 5.03 8.69 12.88
N ILE A 232 4.98 8.74 12.88
CA ILE A 232 3.92 8.95 13.80
CA ILE A 232 3.93 9.18 13.79
C ILE A 232 4.43 9.36 15.17
C ILE A 232 4.42 9.36 15.23
N SER A 233 5.53 8.74 15.64
CA SER A 233 6.08 8.98 16.97
C SER A 233 7.01 10.20 17.02
N ALA A 234 7.38 10.77 15.86
CA ALA A 234 8.20 11.96 15.82
C ALA A 234 7.41 13.17 16.32
N ALA A 235 8.13 14.16 16.83
CA ALA A 235 7.44 15.37 17.25
C ALA A 235 6.85 16.10 16.05
N ASP A 236 7.68 16.42 15.07
CA ASP A 236 7.24 17.12 13.87
C ASP A 236 7.00 16.07 12.79
N ARG A 237 5.74 15.65 12.64
CA ARG A 237 5.44 14.60 11.69
C ARG A 237 5.57 15.07 10.25
N LEU A 238 5.44 16.37 10.00
CA LEU A 238 5.60 16.86 8.63
C LEU A 238 7.07 16.76 8.21
N GLU A 239 7.98 17.24 9.05
N GLU A 239 7.97 17.24 9.06
CA GLU A 239 9.39 17.12 8.70
CA GLU A 239 9.38 17.14 8.75
C GLU A 239 9.82 15.66 8.62
C GLU A 239 9.80 15.68 8.62
N ALA A 240 9.30 14.81 9.49
CA ALA A 240 9.64 13.39 9.41
C ALA A 240 9.17 12.81 8.08
N ALA A 241 7.94 13.12 7.69
CA ALA A 241 7.43 12.63 6.41
C ALA A 241 8.30 13.11 5.26
N GLU A 242 8.73 14.38 5.30
CA GLU A 242 9.61 14.90 4.26
C GLU A 242 10.96 14.18 4.20
N MET A 243 11.53 13.84 5.37
N MET A 243 11.54 13.86 5.36
CA MET A 243 12.79 13.09 5.35
CA MET A 243 12.78 13.09 5.37
C MET A 243 12.61 11.72 4.72
C MET A 243 12.59 11.75 4.69
N TYR A 244 11.51 11.03 5.05
CA TYR A 244 11.25 9.73 4.45
C TYR A 244 10.95 9.87 2.96
N ARG A 245 10.19 10.89 2.57
CA ARG A 245 9.90 11.09 1.15
C ARG A 245 11.17 11.32 0.36
N LYS A 246 12.03 12.22 0.85
CA LYS A 246 13.26 12.51 0.12
C LYS A 246 14.16 11.30 0.03
N ALA A 247 14.21 10.50 1.11
CA ALA A 247 15.03 9.29 1.09
C ALA A 247 14.51 8.31 0.05
N ALA A 248 13.21 8.03 0.07
CA ALA A 248 12.67 7.03 -0.86
C ALA A 248 12.73 7.53 -2.30
N TRP A 249 12.54 8.83 -2.51
CA TRP A 249 12.51 9.34 -3.87
C TRP A 249 13.91 9.32 -4.49
N GLU A 250 14.91 9.79 -3.74
N GLU A 250 14.91 9.76 -3.74
CA GLU A 250 16.28 9.76 -4.25
CA GLU A 250 16.27 9.76 -4.27
C GLU A 250 16.72 8.31 -4.53
C GLU A 250 16.79 8.34 -4.47
N ALA A 251 16.36 7.39 -3.63
CA ALA A 251 16.76 5.99 -3.86
C ALA A 251 16.16 5.47 -5.16
N TYR A 252 14.92 5.84 -5.43
CA TYR A 252 14.28 5.46 -6.70
C TYR A 252 15.04 6.09 -7.88
N LEU A 253 15.34 7.39 -7.79
CA LEU A 253 16.00 8.05 -8.92
C LEU A 253 17.37 7.42 -9.20
N SER A 254 18.10 7.07 -8.14
N SER A 254 18.11 7.09 -8.14
CA SER A 254 19.46 6.54 -8.33
CA SER A 254 19.44 6.52 -8.32
C SER A 254 19.42 5.16 -8.98
C SER A 254 19.35 5.20 -9.05
N ARG A 255 18.44 4.34 -8.63
CA ARG A 255 18.32 3.02 -9.23
C ARG A 255 17.93 3.12 -10.69
N LEU A 256 17.09 4.11 -11.02
CA LEU A 256 16.64 4.28 -12.39
C LEU A 256 17.79 4.65 -13.31
N GLY A 257 18.73 5.46 -12.81
CA GLY A 257 19.89 5.86 -13.60
C GLY A 257 19.53 6.65 -14.83
OP3 DU B . 5.17 1.65 12.79
P DU B . 5.69 0.75 11.68
OP1 DU B . 6.45 -0.44 12.18
OP2 DU B . 6.47 1.53 10.63
O5' DU B . 4.34 0.23 11.00
C5' DU B . 4.36 -0.78 10.00
C4' DU B . 2.91 -0.85 9.48
O4' DU B . 2.88 -1.70 8.33
C3' DU B . 1.95 -1.48 10.49
O3' DU B . 0.63 -0.95 10.32
C2' DU B . 1.97 -2.96 10.11
C1' DU B . 2.17 -2.92 8.59
N1 DU B . 2.90 -4.09 8.07
C2 DU B . 4.19 -4.43 8.47
O2 DU B . 4.80 -3.70 9.27
N3 DU B . 4.78 -5.52 7.97
C4 DU B . 4.17 -6.34 7.09
O4 DU B . 4.81 -7.30 6.67
C5 DU B . 2.86 -6.05 6.66
C6 DU B . 2.24 -4.92 7.18
N PRO C . 22.40 2.47 9.58
CA PRO C . 21.97 1.15 9.14
C PRO C . 22.99 0.21 8.53
O PRO C . 22.46 -0.81 8.09
CB PRO C . 20.91 1.50 8.10
CG PRO C . 20.21 2.64 8.72
CD PRO C . 21.28 3.42 9.48
OXT PRO C . 24.19 0.51 8.52
HA PRO C . 21.62 0.68 9.92
HB2 PRO C . 21.33 1.75 7.25
HB3 PRO C . 20.31 0.75 7.95
HG2 PRO C . 19.79 3.19 8.03
HG3 PRO C . 19.52 2.30 9.32
HD2 PRO C . 21.54 4.22 8.99
HD3 PRO C . 20.96 3.67 10.37
#